data_7D7Q
#
_entry.id   7D7Q
#
_cell.length_a   76.300
_cell.length_b   136.530
_cell.length_c   206.540
_cell.angle_alpha   90.000
_cell.angle_beta   90.000
_cell.angle_gamma   90.000
#
_symmetry.space_group_name_H-M   'I 2 2 2'
#
loop_
_entity.id
_entity.type
_entity.pdbx_description
1 polymer Phosphodiesterase
2 non-polymer RETINAL
3 non-polymer '(2R)-2,3-dihydroxypropyl (9Z)-octadec-9-enoate'
#
_entity_poly.entity_id   1
_entity_poly.type   'polypeptide(L)'
_entity_poly.pdbx_seq_one_letter_code
;MGRGKRRAKTRNIAIASTKEVQWQGIFMIIVWLCVMGSLIFFANPEASRRVFAKFSHLQSFYGATSVAFAFATGLDILAY
VNAVSDEKRVLSGILAYVDGVACISYLSMATLNLYFLVDSTQGNPVWLMRYAEWIITCPTLLYWCGLASRADRSSVSDIA
TADALLLAGGALSSILPSWPAFFVFAGSFATYIYVMLHMWGMFGKAMQPDFQPPPPLPRHALHLLRCEIVMSWSIFPLVE
FLRRQGYIDFQVGEAMNCVADYAAKVGLAMIMVNCNLEQINALRVQQMHSALTGMLKVMRKTNLSSSRMAQLDGVDDDVK
SWIMNEFSGSTDGKGGDDAKAQQRARGENLYFQ
;
_entity_poly.pdbx_strand_id   A,B
#
loop_
_chem_comp.id
_chem_comp.type
_chem_comp.name
_chem_comp.formula
OLC non-polymer '(2R)-2,3-dihydroxypropyl (9Z)-octadec-9-enoate' 'C21 H40 O4'
RET non-polymer RETINAL 'C20 H28 O'
#
# COMPACT_ATOMS: atom_id res chain seq x y z
N ASN A 12 11.78 -20.57 26.38
CA ASN A 12 12.69 -21.21 25.43
C ASN A 12 12.44 -20.70 24.01
N ILE A 13 13.49 -20.19 23.38
CA ILE A 13 13.45 -19.70 22.01
C ILE A 13 12.27 -18.74 21.84
N ALA A 14 11.55 -18.85 20.73
CA ALA A 14 10.40 -18.00 20.46
C ALA A 14 9.61 -18.51 19.26
N ILE A 15 8.38 -18.97 19.50
CA ILE A 15 7.53 -19.52 18.45
C ILE A 15 6.15 -18.88 18.55
N ALA A 16 5.37 -19.05 17.48
CA ALA A 16 3.99 -18.58 17.43
C ALA A 16 3.15 -19.60 16.68
N SER A 17 1.83 -19.42 16.77
CA SER A 17 0.89 -20.29 16.06
C SER A 17 -0.29 -19.45 15.60
N THR A 18 -0.98 -19.94 14.56
CA THR A 18 -2.01 -19.16 13.88
C THR A 18 -3.08 -18.69 14.85
N LYS A 19 -3.69 -19.62 15.58
CA LYS A 19 -4.74 -19.27 16.54
C LYS A 19 -4.19 -18.41 17.67
N GLU A 20 -2.89 -18.50 17.97
CA GLU A 20 -2.32 -17.68 19.03
C GLU A 20 -2.15 -16.24 18.58
N VAL A 21 -1.75 -16.01 17.33
CA VAL A 21 -1.66 -14.65 16.82
C VAL A 21 -3.03 -14.08 16.52
N GLN A 22 -4.04 -14.92 16.38
CA GLN A 22 -5.42 -14.43 16.24
C GLN A 22 -5.90 -13.80 17.54
N TRP A 23 -5.65 -14.48 18.68
CA TRP A 23 -6.02 -13.92 19.96
C TRP A 23 -5.08 -12.79 20.37
N GLN A 24 -3.79 -12.92 20.03
CA GLN A 24 -2.88 -11.80 20.18
C GLN A 24 -3.31 -10.62 19.32
N GLY A 25 -3.90 -10.90 18.16
CA GLY A 25 -4.37 -9.82 17.30
C GLY A 25 -5.55 -9.08 17.90
N ILE A 26 -6.57 -9.83 18.36
CA ILE A 26 -7.73 -9.17 18.94
C ILE A 26 -7.42 -8.56 20.30
N PHE A 27 -6.29 -8.94 20.93
CA PHE A 27 -5.88 -8.24 22.14
C PHE A 27 -5.29 -6.87 21.82
N MET A 28 -4.60 -6.74 20.68
CA MET A 28 -4.08 -5.45 20.26
C MET A 28 -5.21 -4.46 20.02
N ILE A 29 -6.36 -4.92 19.55
CA ILE A 29 -7.45 -4.01 19.21
C ILE A 29 -8.30 -3.64 20.43
N ILE A 30 -8.44 -4.55 21.40
CA ILE A 30 -9.23 -4.22 22.58
C ILE A 30 -8.44 -3.41 23.59
N VAL A 31 -7.11 -3.53 23.59
CA VAL A 31 -6.31 -2.64 24.42
C VAL A 31 -6.15 -1.26 23.77
N TRP A 32 -6.43 -1.16 22.47
CA TRP A 32 -6.48 0.14 21.80
C TRP A 32 -7.88 0.74 21.85
N LEU A 33 -8.91 -0.09 21.72
CA LEU A 33 -10.28 0.39 21.91
C LEU A 33 -10.46 0.97 23.31
N CYS A 34 -9.87 0.32 24.32
CA CYS A 34 -9.87 0.90 25.66
C CYS A 34 -9.11 2.22 25.70
N VAL A 35 -8.00 2.30 24.95
CA VAL A 35 -7.20 3.53 24.93
C VAL A 35 -7.98 4.65 24.26
N MET A 36 -8.64 4.37 23.15
CA MET A 36 -9.40 5.39 22.44
C MET A 36 -10.50 5.98 23.32
N GLY A 37 -11.13 5.15 24.13
CA GLY A 37 -12.16 5.66 25.03
C GLY A 37 -11.60 6.58 26.09
N SER A 38 -10.46 6.22 26.69
CA SER A 38 -9.84 7.05 27.72
C SER A 38 -9.44 8.42 27.17
N LEU A 39 -9.02 8.47 25.91
CA LEU A 39 -8.57 9.71 25.31
C LEU A 39 -9.70 10.55 24.74
N ILE A 40 -10.85 9.92 24.44
CA ILE A 40 -12.05 10.70 24.17
C ILE A 40 -12.66 11.16 25.49
N PHE A 41 -12.41 10.43 26.58
CA PHE A 41 -13.02 10.75 27.86
C PHE A 41 -12.36 11.98 28.50
N PHE A 42 -11.04 12.05 28.47
CA PHE A 42 -10.31 13.18 29.06
C PHE A 42 -10.08 14.31 28.06
N ALA A 43 -10.69 14.23 26.87
CA ALA A 43 -10.44 15.21 25.83
C ALA A 43 -11.11 16.54 26.15
N ASN A 44 -10.55 17.60 25.59
CA ASN A 44 -11.12 18.94 25.68
C ASN A 44 -11.41 19.44 24.26
N PRO A 45 -12.65 19.30 23.79
CA PRO A 45 -12.93 19.67 22.39
C PRO A 45 -12.68 21.13 22.07
N GLU A 46 -12.85 22.04 23.04
CA GLU A 46 -12.59 23.45 22.79
C GLU A 46 -11.10 23.71 22.58
N ALA A 47 -10.24 22.89 23.17
CA ALA A 47 -8.80 23.02 22.96
C ALA A 47 -8.32 22.28 21.72
N SER A 48 -9.01 21.20 21.34
CA SER A 48 -8.65 20.50 20.11
C SER A 48 -8.97 21.35 18.88
N ARG A 49 -10.07 22.11 18.93
CA ARG A 49 -10.43 22.98 17.83
C ARG A 49 -9.36 24.04 17.59
N ARG A 50 -8.78 24.56 18.67
CA ARG A 50 -7.69 25.53 18.53
C ARG A 50 -6.47 24.90 17.86
N VAL A 51 -6.21 23.63 18.13
CA VAL A 51 -5.06 22.95 17.54
C VAL A 51 -5.22 22.83 16.03
N PHE A 52 -6.33 22.21 15.60
CA PHE A 52 -6.60 22.07 14.17
C PHE A 52 -6.83 23.41 13.47
N ALA A 53 -7.06 24.48 14.23
CA ALA A 53 -7.17 25.81 13.64
C ALA A 53 -5.80 26.38 13.32
N LYS A 54 -4.93 26.47 14.33
CA LYS A 54 -3.59 27.01 14.10
C LYS A 54 -2.78 26.09 13.20
N PHE A 55 -2.91 24.78 13.38
CA PHE A 55 -2.25 23.79 12.52
C PHE A 55 -3.33 23.20 11.61
N SER A 56 -3.58 23.88 10.48
CA SER A 56 -4.69 23.50 9.62
C SER A 56 -4.43 22.18 8.89
N HIS A 57 -3.17 21.88 8.58
CA HIS A 57 -2.85 20.69 7.80
C HIS A 57 -2.77 19.42 8.62
N LEU A 58 -2.94 19.50 9.95
CA LEU A 58 -2.83 18.31 10.78
C LEU A 58 -3.94 17.31 10.47
N GLN A 59 -5.20 17.78 10.46
CA GLN A 59 -6.32 16.90 10.19
C GLN A 59 -6.22 16.29 8.79
N SER A 60 -5.65 17.03 7.84
CA SER A 60 -5.48 16.50 6.48
C SER A 60 -4.35 15.48 6.41
N PHE A 61 -3.28 15.68 7.18
CA PHE A 61 -2.18 14.73 7.17
C PHE A 61 -2.62 13.36 7.67
N TYR A 62 -3.26 13.34 8.84
CA TYR A 62 -3.64 12.06 9.46
C TYR A 62 -4.64 11.31 8.60
N GLY A 63 -5.67 12.00 8.11
CA GLY A 63 -6.62 11.38 7.22
C GLY A 63 -5.98 10.82 5.95
N ALA A 64 -4.94 11.49 5.46
CA ALA A 64 -4.21 10.95 4.32
C ALA A 64 -3.35 9.76 4.72
N THR A 65 -2.70 9.84 5.89
CA THR A 65 -1.94 8.70 6.40
C THR A 65 -2.84 7.50 6.64
N SER A 66 -4.06 7.75 7.13
CA SER A 66 -5.00 6.66 7.37
C SER A 66 -5.35 5.93 6.07
N VAL A 67 -5.58 6.68 4.99
CA VAL A 67 -5.89 6.07 3.70
C VAL A 67 -4.71 5.22 3.23
N ALA A 68 -3.48 5.69 3.47
CA ALA A 68 -2.31 4.92 3.08
C ALA A 68 -2.23 3.61 3.84
N PHE A 69 -2.64 3.62 5.13
CA PHE A 69 -2.59 2.41 5.94
C PHE A 69 -3.78 1.49 5.71
N ALA A 70 -4.91 2.02 5.25
CA ALA A 70 -6.06 1.17 4.95
C ALA A 70 -5.71 0.15 3.87
N PHE A 71 -5.03 0.60 2.81
CA PHE A 71 -4.59 -0.32 1.78
C PHE A 71 -3.44 -1.20 2.24
N ALA A 72 -2.55 -0.63 3.06
CA ALA A 72 -1.39 -1.38 3.53
C ALA A 72 -1.79 -2.57 4.40
N THR A 73 -2.93 -2.48 5.08
CA THR A 73 -3.44 -3.62 5.83
C THR A 73 -3.94 -4.71 4.89
N GLY A 74 -4.76 -4.33 3.91
CA GLY A 74 -5.30 -5.30 2.96
C GLY A 74 -4.26 -6.02 2.13
N LEU A 75 -3.07 -5.44 1.98
CA LEU A 75 -2.00 -6.14 1.28
C LEU A 75 -1.52 -7.34 2.10
N ASP A 76 -1.48 -7.21 3.42
CA ASP A 76 -1.07 -8.30 4.28
C ASP A 76 -2.12 -9.40 4.36
N ILE A 77 -3.40 -9.06 4.14
CA ILE A 77 -4.44 -10.07 4.12
C ILE A 77 -4.25 -11.01 2.94
N LEU A 78 -3.78 -10.48 1.82
CA LEU A 78 -3.46 -11.32 0.66
C LEU A 78 -2.23 -12.17 0.92
N ALA A 79 -1.30 -11.67 1.74
CA ALA A 79 -0.15 -12.48 2.13
C ALA A 79 -0.52 -13.56 3.13
N TYR A 80 -1.64 -13.40 3.84
CA TYR A 80 -2.06 -14.39 4.81
C TYR A 80 -2.83 -15.53 4.16
N VAL A 81 -3.75 -15.21 3.26
CA VAL A 81 -4.55 -16.26 2.63
C VAL A 81 -3.74 -17.00 1.56
N ASN A 82 -2.75 -16.34 0.96
CA ASN A 82 -1.93 -16.98 -0.05
C ASN A 82 -0.48 -17.08 0.41
N ALA A 83 -0.27 -17.57 1.63
CA ALA A 83 1.07 -17.71 2.17
C ALA A 83 1.72 -19.00 1.71
N VAL A 84 3.04 -18.96 1.52
CA VAL A 84 3.76 -20.14 1.05
C VAL A 84 3.90 -21.16 2.17
N SER A 85 4.10 -20.69 3.40
CA SER A 85 4.39 -21.57 4.52
C SER A 85 3.47 -21.26 5.69
N ASP A 86 3.37 -22.23 6.60
CA ASP A 86 2.59 -22.07 7.82
C ASP A 86 3.23 -21.10 8.79
N GLU A 87 4.52 -20.80 8.62
CA GLU A 87 5.21 -19.83 9.45
C GLU A 87 5.31 -18.45 8.82
N LYS A 88 5.42 -18.38 7.49
CA LYS A 88 5.33 -17.10 6.79
C LYS A 88 3.89 -16.60 6.70
N ARG A 89 2.95 -17.32 7.30
CA ARG A 89 1.56 -16.88 7.45
C ARG A 89 1.39 -16.12 8.75
N VAL A 90 1.96 -16.63 9.83
CA VAL A 90 1.83 -16.04 11.15
C VAL A 90 2.83 -14.90 11.29
N LEU A 91 3.57 -14.65 10.23
CA LEU A 91 4.43 -13.46 10.19
C LEU A 91 3.69 -12.28 9.57
N SER A 92 3.03 -12.50 8.43
CA SER A 92 2.12 -11.49 7.90
C SER A 92 0.87 -11.33 8.76
N GLY A 93 0.57 -12.32 9.61
CA GLY A 93 -0.57 -12.18 10.50
C GLY A 93 -0.36 -11.09 11.54
N ILE A 94 0.86 -10.99 12.08
CA ILE A 94 1.16 -9.93 13.04
C ILE A 94 1.04 -8.56 12.38
N LEU A 95 1.54 -8.45 11.14
CA LEU A 95 1.52 -7.17 10.44
C LEU A 95 0.11 -6.77 10.04
N ALA A 96 -0.77 -7.75 9.79
CA ALA A 96 -2.14 -7.43 9.44
C ALA A 96 -2.87 -6.76 10.59
N TYR A 97 -2.45 -7.02 11.83
CA TYR A 97 -3.00 -6.33 12.99
C TYR A 97 -2.23 -5.07 13.33
N VAL A 98 -0.90 -5.08 13.13
CA VAL A 98 -0.10 -3.90 13.42
C VAL A 98 -0.48 -2.76 12.48
N ASP A 99 -0.57 -3.05 11.18
CA ASP A 99 -0.86 -2.02 10.20
C ASP A 99 -2.32 -1.58 10.23
N GLY A 100 -3.21 -2.38 10.81
CA GLY A 100 -4.60 -1.99 10.96
C GLY A 100 -4.78 -1.00 12.09
N VAL A 101 -4.03 -1.20 13.17
CA VAL A 101 -4.05 -0.25 14.28
C VAL A 101 -3.66 1.14 13.81
N ALA A 102 -2.68 1.21 12.90
CA ALA A 102 -2.28 2.50 12.36
C ALA A 102 -3.39 3.14 11.54
N CYS A 103 -4.22 2.33 10.88
CA CYS A 103 -5.33 2.89 10.11
C CYS A 103 -6.40 3.47 11.04
N ILE A 104 -6.71 2.79 12.14
CA ILE A 104 -7.72 3.29 13.05
C ILE A 104 -7.15 4.34 14.01
N SER A 105 -5.84 4.32 14.25
CA SER A 105 -5.23 5.40 15.05
C SER A 105 -5.29 6.72 14.30
N TYR A 106 -4.89 6.72 13.03
CA TYR A 106 -4.87 7.95 12.26
C TYR A 106 -6.27 8.40 11.83
N LEU A 107 -7.19 7.45 11.61
CA LEU A 107 -8.57 7.84 11.37
C LEU A 107 -9.16 8.53 12.59
N SER A 108 -8.79 8.07 13.79
CA SER A 108 -9.30 8.69 15.01
C SER A 108 -8.61 10.02 15.28
N MET A 109 -7.30 10.10 15.05
CA MET A 109 -6.60 11.36 15.22
C MET A 109 -7.15 12.46 14.32
N ALA A 110 -7.61 12.09 13.13
CA ALA A 110 -8.10 13.07 12.16
C ALA A 110 -9.59 13.37 12.30
N THR A 111 -10.33 12.59 13.09
CA THR A 111 -11.78 12.72 13.12
C THR A 111 -12.39 12.75 14.51
N LEU A 112 -11.61 12.61 15.58
CA LEU A 112 -12.17 12.51 16.93
C LEU A 112 -11.60 13.59 17.84
N ASN A 113 -12.39 13.93 18.86
CA ASN A 113 -11.93 14.79 19.95
C ASN A 113 -11.09 13.94 20.89
N LEU A 114 -9.77 14.14 20.86
CA LEU A 114 -8.85 13.28 21.57
C LEU A 114 -8.11 14.04 22.67
N TYR A 115 -7.65 13.28 23.65
CA TYR A 115 -6.85 13.82 24.73
C TYR A 115 -5.40 13.99 24.28
N PHE A 116 -4.80 15.10 24.67
CA PHE A 116 -3.41 15.37 24.34
C PHE A 116 -2.81 16.27 25.42
N LEU A 117 -1.52 16.54 25.28
CA LEU A 117 -0.76 17.29 26.28
C LEU A 117 0.00 18.42 25.60
N VAL A 118 0.26 19.48 26.36
CA VAL A 118 1.05 20.60 25.88
C VAL A 118 2.50 20.38 26.30
N ASP A 119 3.40 20.32 25.31
CA ASP A 119 4.81 20.10 25.62
C ASP A 119 5.45 21.38 26.15
N SER A 120 6.29 21.23 27.17
CA SER A 120 6.91 22.38 27.81
C SER A 120 7.95 23.06 26.93
N THR A 121 8.37 22.44 25.83
CA THR A 121 9.41 23.04 24.99
C THR A 121 8.84 24.16 24.13
N GLN A 122 7.80 23.86 23.34
CA GLN A 122 7.30 24.80 22.36
C GLN A 122 5.78 24.92 22.34
N GLY A 123 5.08 24.36 23.34
CA GLY A 123 3.64 24.51 23.41
C GLY A 123 2.85 23.71 22.39
N ASN A 124 3.52 22.90 21.58
CA ASN A 124 2.84 22.08 20.60
C ASN A 124 2.03 20.98 21.29
N PRO A 125 1.07 20.38 20.59
CA PRO A 125 0.38 19.22 21.14
C PRO A 125 1.26 17.99 21.14
N VAL A 126 0.94 17.07 22.04
CA VAL A 126 1.58 15.76 22.10
C VAL A 126 0.48 14.73 21.94
N TRP A 127 0.43 14.08 20.78
CA TRP A 127 -0.67 13.18 20.43
C TRP A 127 -0.51 11.86 21.17
N LEU A 128 -1.23 11.71 22.28
CA LEU A 128 -1.16 10.47 23.05
C LEU A 128 -1.76 9.30 22.29
N MET A 129 -2.71 9.57 21.38
CA MET A 129 -3.28 8.50 20.57
C MET A 129 -2.21 7.88 19.67
N ARG A 130 -1.32 8.71 19.12
CA ARG A 130 -0.21 8.18 18.34
C ARG A 130 0.81 7.49 19.25
N TYR A 131 1.11 8.09 20.41
CA TYR A 131 2.00 7.43 21.36
C TYR A 131 1.41 6.11 21.83
N ALA A 132 0.09 6.05 21.99
CA ALA A 132 -0.56 4.80 22.34
C ALA A 132 -0.60 3.81 21.19
N GLU A 133 -0.33 4.27 19.96
CA GLU A 133 -0.21 3.35 18.84
C GLU A 133 1.14 2.64 18.84
N TRP A 134 2.22 3.41 19.02
CA TRP A 134 3.56 2.82 19.00
C TRP A 134 3.76 1.87 20.18
N ILE A 135 3.13 2.17 21.33
CA ILE A 135 3.26 1.28 22.49
C ILE A 135 2.59 -0.05 22.22
N ILE A 136 1.57 -0.07 21.36
CA ILE A 136 0.96 -1.34 20.97
C ILE A 136 1.67 -1.96 19.78
N THR A 137 2.30 -1.16 18.92
CA THR A 137 2.95 -1.68 17.73
C THR A 137 4.37 -2.17 18.03
N CYS A 138 5.23 -1.26 18.47
CA CYS A 138 6.67 -1.57 18.58
C CYS A 138 6.98 -2.80 19.41
N PRO A 139 6.40 -3.01 20.60
CA PRO A 139 6.66 -4.26 21.32
C PRO A 139 6.17 -5.50 20.58
N THR A 140 5.21 -5.36 19.67
CA THR A 140 4.75 -6.51 18.90
C THR A 140 5.71 -6.82 17.75
N LEU A 141 6.18 -5.80 17.04
CA LEU A 141 7.15 -6.02 15.98
C LEU A 141 8.44 -6.62 16.50
N LEU A 142 8.78 -6.36 17.77
CA LEU A 142 9.95 -6.97 18.37
C LEU A 142 9.68 -8.41 18.81
N TYR A 143 8.46 -8.68 19.27
CA TYR A 143 8.02 -10.08 19.37
C TYR A 143 7.96 -10.72 17.99
N TRP A 144 7.66 -9.91 16.97
CA TRP A 144 7.68 -10.42 15.59
C TRP A 144 9.11 -10.63 15.10
N CYS A 145 10.04 -9.78 15.53
CA CYS A 145 11.44 -10.00 15.23
C CYS A 145 12.00 -11.21 15.97
N GLY A 146 11.34 -11.65 17.04
CA GLY A 146 11.71 -12.88 17.70
C GLY A 146 11.24 -14.13 16.98
N LEU A 147 10.47 -13.98 15.92
CA LEU A 147 10.03 -15.10 15.09
C LEU A 147 10.75 -15.17 13.76
N ALA A 148 11.25 -14.05 13.24
CA ALA A 148 12.06 -14.08 12.03
C ALA A 148 13.47 -14.57 12.31
N SER A 149 13.93 -14.46 13.56
CA SER A 149 15.27 -14.88 13.94
C SER A 149 15.31 -15.90 15.07
N ARG A 150 14.23 -16.05 15.82
CA ARG A 150 14.10 -17.04 16.90
C ARG A 150 15.16 -16.82 17.99
N ALA A 151 15.07 -15.66 18.62
CA ALA A 151 15.93 -15.35 19.75
C ALA A 151 15.30 -15.87 21.03
N ASP A 152 16.00 -15.69 22.15
CA ASP A 152 15.49 -16.13 23.44
C ASP A 152 14.22 -15.35 23.80
N ARG A 153 13.25 -16.05 24.38
CA ARG A 153 12.07 -15.38 24.90
C ARG A 153 12.44 -14.36 25.97
N SER A 154 13.61 -14.51 26.59
CA SER A 154 14.11 -13.49 27.51
C SER A 154 14.82 -12.37 26.77
N SER A 155 15.59 -12.71 25.72
CA SER A 155 16.25 -11.69 24.93
C SER A 155 15.27 -10.81 24.18
N VAL A 156 14.05 -11.29 23.95
CA VAL A 156 13.02 -10.49 23.30
C VAL A 156 12.19 -9.71 24.31
N SER A 157 11.83 -10.36 25.43
CA SER A 157 11.08 -9.68 26.48
C SER A 157 11.80 -8.44 26.97
N ASP A 158 13.14 -8.47 26.96
CA ASP A 158 13.92 -7.30 27.36
C ASP A 158 13.64 -6.11 26.44
N ILE A 159 14.00 -6.26 25.15
CA ILE A 159 13.83 -5.15 24.22
C ILE A 159 12.38 -4.77 24.06
N ALA A 160 11.47 -5.74 24.18
CA ALA A 160 10.05 -5.44 24.05
C ALA A 160 9.56 -4.58 25.21
N THR A 161 10.01 -4.87 26.42
CA THR A 161 9.68 -4.03 27.56
C THR A 161 10.58 -2.80 27.65
N ALA A 162 11.78 -2.86 27.08
CA ALA A 162 12.62 -1.67 27.02
C ALA A 162 12.16 -0.69 25.95
N ASP A 163 11.55 -1.20 24.88
CA ASP A 163 10.98 -0.32 23.86
C ASP A 163 9.63 0.23 24.29
N ALA A 164 8.88 -0.51 25.11
CA ALA A 164 7.61 -0.01 25.63
C ALA A 164 7.84 1.20 26.52
N LEU A 165 8.78 1.09 27.47
CA LEU A 165 9.13 2.21 28.33
C LEU A 165 9.91 3.28 27.56
N LEU A 166 10.53 2.91 26.44
CA LEU A 166 11.24 3.89 25.61
C LEU A 166 10.31 4.96 25.09
N LEU A 167 9.19 4.54 24.48
CA LEU A 167 8.21 5.50 23.98
C LEU A 167 7.57 6.30 25.11
N ALA A 168 7.40 5.68 26.28
CA ALA A 168 6.82 6.38 27.41
C ALA A 168 7.75 7.48 27.92
N GLY A 169 9.05 7.17 28.04
CA GLY A 169 9.99 8.18 28.50
C GLY A 169 10.06 9.39 27.59
N GLY A 170 10.00 9.17 26.28
CA GLY A 170 9.97 10.28 25.36
C GLY A 170 8.69 11.09 25.45
N ALA A 171 7.59 10.45 25.84
CA ALA A 171 6.34 11.17 26.05
C ALA A 171 6.37 11.95 27.36
N LEU A 172 6.86 11.33 28.42
CA LEU A 172 6.99 12.04 29.69
C LEU A 172 8.00 13.18 29.60
N SER A 173 8.95 13.09 28.67
CA SER A 173 9.96 14.13 28.53
C SER A 173 9.35 15.46 28.12
N SER A 174 8.23 15.44 27.39
CA SER A 174 7.62 16.69 26.94
C SER A 174 7.07 17.51 28.10
N ILE A 175 6.59 16.85 29.15
CA ILE A 175 5.96 17.56 30.26
C ILE A 175 6.97 18.04 31.31
N LEU A 176 8.19 17.51 31.31
CA LEU A 176 9.17 17.89 32.32
C LEU A 176 9.69 19.31 32.08
N PRO A 177 10.32 19.92 33.09
CA PRO A 177 11.02 21.19 32.86
C PRO A 177 12.22 21.05 31.93
N SER A 178 13.06 22.08 31.86
CA SER A 178 14.20 22.10 30.95
C SER A 178 15.19 20.97 31.22
N TRP A 179 15.91 21.07 32.33
CA TRP A 179 16.96 20.13 32.73
C TRP A 179 16.51 18.67 32.66
N PRO A 180 15.45 18.26 33.37
CA PRO A 180 15.15 16.82 33.41
C PRO A 180 14.64 16.27 32.10
N ALA A 181 13.94 17.07 31.29
CA ALA A 181 13.47 16.59 29.99
C ALA A 181 14.64 16.21 29.09
N PHE A 182 15.76 16.92 29.21
CA PHE A 182 16.96 16.57 28.45
C PHE A 182 17.40 15.15 28.76
N PHE A 183 17.52 14.82 30.04
CA PHE A 183 18.09 13.54 30.44
C PHE A 183 17.11 12.39 30.28
N VAL A 184 15.80 12.64 30.45
CA VAL A 184 14.82 11.58 30.22
C VAL A 184 14.71 11.27 28.73
N PHE A 185 14.75 12.31 27.89
CA PHE A 185 14.79 12.08 26.45
C PHE A 185 16.06 11.33 26.06
N ALA A 186 17.22 11.87 26.46
CA ALA A 186 18.48 11.19 26.18
C ALA A 186 18.52 9.80 26.79
N GLY A 187 17.87 9.62 27.94
CA GLY A 187 17.78 8.29 28.53
C GLY A 187 16.96 7.33 27.69
N SER A 188 16.01 7.85 26.91
CA SER A 188 15.23 6.99 26.04
C SER A 188 15.97 6.70 24.74
N PHE A 189 16.70 7.68 24.20
CA PHE A 189 17.49 7.43 23.00
C PHE A 189 18.63 6.46 23.30
N ALA A 190 19.22 6.55 24.50
CA ALA A 190 20.22 5.57 24.90
C ALA A 190 19.65 4.16 24.89
N THR A 191 18.39 4.01 25.30
CA THR A 191 17.75 2.70 25.25
C THR A 191 17.36 2.33 23.82
N TYR A 192 17.15 3.32 22.95
CA TYR A 192 16.83 3.02 21.55
C TYR A 192 17.98 2.28 20.88
N ILE A 193 19.20 2.77 21.07
CA ILE A 193 20.36 2.08 20.52
C ILE A 193 20.54 0.71 21.17
N TYR A 194 20.18 0.60 22.46
CA TYR A 194 20.19 -0.71 23.11
C TYR A 194 19.24 -1.68 22.42
N VAL A 195 18.07 -1.20 22.01
CA VAL A 195 17.12 -2.05 21.30
C VAL A 195 17.65 -2.37 19.90
N MET A 196 18.20 -1.38 19.22
CA MET A 196 18.67 -1.59 17.85
C MET A 196 19.92 -2.45 17.82
N LEU A 197 20.87 -2.20 18.74
CA LEU A 197 22.08 -3.03 18.79
C LEU A 197 21.74 -4.49 19.05
N HIS A 198 20.75 -4.73 19.92
CA HIS A 198 20.33 -6.11 20.16
C HIS A 198 19.60 -6.70 18.97
N MET A 199 18.97 -5.87 18.15
CA MET A 199 18.30 -6.38 16.95
C MET A 199 19.31 -6.76 15.88
N TRP A 200 20.25 -5.87 15.58
CA TRP A 200 21.22 -6.15 14.53
C TRP A 200 21.97 -7.44 14.79
N GLY A 201 22.29 -7.72 16.06
CA GLY A 201 22.85 -9.00 16.43
C GLY A 201 21.84 -10.12 16.60
N MET A 202 20.55 -9.77 16.67
CA MET A 202 19.52 -10.79 16.76
C MET A 202 19.28 -11.45 15.40
N PHE A 203 19.35 -10.68 14.32
CA PHE A 203 19.29 -11.28 12.99
C PHE A 203 20.60 -11.98 12.65
N GLY A 204 21.72 -11.50 13.20
CA GLY A 204 23.00 -12.09 12.88
C GLY A 204 23.09 -13.55 13.28
N LYS A 205 22.52 -13.92 14.43
CA LYS A 205 22.54 -15.32 14.84
C LYS A 205 21.76 -16.19 13.86
N ALA A 206 20.72 -15.64 13.23
CA ALA A 206 19.94 -16.43 12.29
C ALA A 206 20.53 -16.37 10.89
N MET A 207 21.25 -15.29 10.56
CA MET A 207 21.85 -15.12 9.24
C MET A 207 23.00 -16.08 8.97
N GLN A 208 23.36 -16.93 9.92
CA GLN A 208 24.48 -17.84 9.72
C GLN A 208 24.08 -18.98 8.79
N PRO A 209 24.88 -19.30 7.77
CA PRO A 209 24.53 -20.42 6.88
C PRO A 209 24.55 -21.78 7.57
N ASP A 210 24.96 -21.84 8.83
CA ASP A 210 24.96 -23.09 9.62
C ASP A 210 24.34 -22.79 10.98
N PHE A 211 23.05 -22.47 10.98
CA PHE A 211 22.30 -22.16 12.19
C PHE A 211 21.40 -23.33 12.55
N GLN A 212 21.17 -23.52 13.86
CA GLN A 212 20.51 -24.74 14.34
C GLN A 212 19.01 -24.74 14.03
N PRO A 213 18.24 -23.73 14.43
CA PRO A 213 16.84 -23.68 13.98
C PRO A 213 16.70 -22.81 12.75
N PRO A 214 16.47 -23.41 11.59
CA PRO A 214 16.48 -22.65 10.33
C PRO A 214 15.42 -21.57 10.35
N PRO A 215 15.81 -20.31 10.15
CA PRO A 215 14.83 -19.22 10.20
C PRO A 215 13.90 -19.27 9.01
N PRO A 216 12.64 -18.84 9.17
CA PRO A 216 11.68 -18.89 8.06
C PRO A 216 11.99 -17.91 6.94
N LEU A 217 13.00 -17.06 7.09
CA LEU A 217 13.44 -16.14 6.05
C LEU A 217 14.83 -16.53 5.54
N PRO A 218 15.13 -16.26 4.28
CA PRO A 218 16.49 -16.47 3.79
C PRO A 218 17.46 -15.50 4.44
N ARG A 219 18.75 -15.85 4.38
CA ARG A 219 19.78 -15.04 5.02
C ARG A 219 19.80 -13.62 4.45
N HIS A 220 19.52 -13.46 3.16
CA HIS A 220 19.56 -12.14 2.55
C HIS A 220 18.42 -11.27 3.05
N ALA A 221 17.22 -11.84 3.20
CA ALA A 221 16.07 -11.08 3.67
C ALA A 221 16.21 -10.64 5.12
N LEU A 222 17.03 -11.33 5.91
CA LEU A 222 17.20 -10.95 7.31
C LEU A 222 18.08 -9.72 7.46
N HIS A 223 19.11 -9.59 6.61
CA HIS A 223 19.92 -8.37 6.64
C HIS A 223 19.11 -7.16 6.18
N LEU A 224 18.15 -7.37 5.27
CA LEU A 224 17.28 -6.28 4.86
C LEU A 224 16.43 -5.79 6.02
N LEU A 225 15.91 -6.72 6.83
CA LEU A 225 15.07 -6.33 7.97
C LEU A 225 15.86 -5.51 8.98
N ARG A 226 17.05 -5.98 9.35
CA ARG A 226 17.87 -5.22 10.30
C ARG A 226 18.41 -3.93 9.69
N CYS A 227 18.28 -3.75 8.37
CA CYS A 227 18.55 -2.45 7.77
C CYS A 227 17.27 -1.63 7.64
N GLU A 228 16.15 -2.26 7.32
CA GLU A 228 14.89 -1.54 7.23
C GLU A 228 14.47 -0.98 8.59
N ILE A 229 14.70 -1.74 9.66
CA ILE A 229 14.25 -1.30 10.98
C ILE A 229 15.22 -0.29 11.58
N VAL A 230 16.50 -0.33 11.20
CA VAL A 230 17.44 0.66 11.72
C VAL A 230 17.21 2.02 11.05
N MET A 231 17.20 2.04 9.71
CA MET A 231 17.16 3.32 8.99
C MET A 231 15.77 3.92 8.91
N SER A 232 14.72 3.17 9.22
CA SER A 232 13.37 3.73 9.21
C SER A 232 12.86 4.12 10.59
N TRP A 233 13.39 3.51 11.66
CA TRP A 233 12.98 3.88 13.00
C TRP A 233 13.78 5.06 13.54
N SER A 234 14.98 5.30 13.01
CA SER A 234 15.81 6.39 13.50
C SER A 234 15.24 7.77 13.18
N ILE A 235 14.18 7.84 12.37
CA ILE A 235 13.65 9.14 11.96
C ILE A 235 12.93 9.82 13.13
N PHE A 236 12.15 9.07 13.89
CA PHE A 236 11.39 9.67 15.00
C PHE A 236 12.29 10.36 16.02
N PRO A 237 13.35 9.75 16.54
CA PRO A 237 14.23 10.48 17.47
C PRO A 237 14.96 11.64 16.82
N LEU A 238 14.99 11.72 15.49
CA LEU A 238 15.55 12.89 14.82
C LEU A 238 14.50 13.95 14.55
N VAL A 239 13.24 13.54 14.38
CA VAL A 239 12.15 14.51 14.21
C VAL A 239 11.92 15.28 15.50
N GLU A 240 11.69 14.55 16.60
CA GLU A 240 11.47 15.21 17.88
C GLU A 240 12.69 16.01 18.33
N PHE A 241 13.89 15.55 17.96
CA PHE A 241 15.10 16.31 18.25
C PHE A 241 15.08 17.66 17.54
N LEU A 242 14.94 17.64 16.21
CA LEU A 242 14.98 18.88 15.45
C LEU A 242 13.75 19.74 15.64
N ARG A 243 12.66 19.17 16.17
CA ARG A 243 11.46 19.96 16.46
C ARG A 243 11.54 20.62 17.83
N ARG A 244 12.00 19.89 18.85
CA ARG A 244 12.13 20.49 20.18
C ARG A 244 13.21 21.56 20.20
N GLN A 245 14.32 21.32 19.51
CA GLN A 245 15.33 22.37 19.37
C GLN A 245 14.81 23.54 18.54
N GLY A 246 13.82 23.33 17.70
CA GLY A 246 13.26 24.38 16.89
C GLY A 246 13.82 24.51 15.49
N TYR A 247 14.47 23.47 14.97
CA TYR A 247 15.06 23.53 13.63
C TYR A 247 14.05 23.31 12.52
N ILE A 248 12.85 22.81 12.83
CA ILE A 248 11.80 22.61 11.85
C ILE A 248 10.46 23.01 12.46
N ASP A 249 9.52 23.39 11.60
CA ASP A 249 8.16 23.67 12.03
C ASP A 249 7.52 22.41 12.61
N PHE A 250 6.46 22.61 13.38
CA PHE A 250 5.74 21.47 13.96
C PHE A 250 5.09 20.62 12.88
N GLN A 251 4.37 21.27 11.96
CA GLN A 251 3.71 20.52 10.90
C GLN A 251 4.71 19.81 10.00
N VAL A 252 5.91 20.38 9.83
CA VAL A 252 6.96 19.70 9.07
C VAL A 252 7.33 18.39 9.75
N GLY A 253 7.57 18.44 11.06
CA GLY A 253 7.88 17.23 11.79
C GLY A 253 6.73 16.25 11.83
N GLU A 254 5.49 16.73 11.69
CA GLU A 254 4.34 15.84 11.65
C GLU A 254 4.23 15.15 10.30
N ALA A 255 4.48 15.88 9.20
CA ALA A 255 4.49 15.25 7.88
C ALA A 255 5.59 14.21 7.79
N MET A 256 6.76 14.51 8.34
CA MET A 256 7.83 13.52 8.40
C MET A 256 7.42 12.32 9.25
N ASN A 257 6.78 12.58 10.40
CA ASN A 257 6.26 11.50 11.22
C ASN A 257 5.15 10.74 10.52
N CYS A 258 4.39 11.41 9.66
CA CYS A 258 3.34 10.74 8.91
C CYS A 258 3.88 9.91 7.75
N VAL A 259 5.07 10.23 7.25
CA VAL A 259 5.70 9.42 6.20
C VAL A 259 6.62 8.38 6.81
N ALA A 260 7.33 8.71 7.88
CA ALA A 260 8.20 7.73 8.54
C ALA A 260 7.37 6.61 9.17
N ASP A 261 6.16 6.92 9.63
CA ASP A 261 5.32 5.88 10.23
C ASP A 261 4.81 4.91 9.17
N TYR A 262 4.72 5.35 7.92
CA TYR A 262 4.29 4.46 6.83
C TYR A 262 5.45 3.61 6.33
N ALA A 263 6.65 4.18 6.23
CA ALA A 263 7.78 3.43 5.70
C ALA A 263 8.21 2.30 6.63
N ALA A 264 8.19 2.55 7.94
CA ALA A 264 8.67 1.55 8.89
C ALA A 264 7.80 0.30 8.90
N LYS A 265 6.52 0.44 8.59
CA LYS A 265 5.58 -0.69 8.67
C LYS A 265 5.25 -1.29 7.32
N VAL A 266 5.28 -0.49 6.25
CA VAL A 266 5.12 -1.06 4.91
C VAL A 266 6.45 -1.62 4.41
N GLY A 267 7.56 -1.10 4.92
CA GLY A 267 8.85 -1.73 4.64
C GLY A 267 8.86 -3.19 5.04
N LEU A 268 8.24 -3.51 6.18
CA LEU A 268 8.11 -4.91 6.59
C LEU A 268 7.12 -5.66 5.70
N ALA A 269 6.00 -5.01 5.35
CA ALA A 269 4.97 -5.68 4.57
C ALA A 269 5.46 -6.04 3.18
N MET A 270 6.37 -5.25 2.61
CA MET A 270 6.91 -5.55 1.29
C MET A 270 8.03 -6.56 1.32
N ILE A 271 8.61 -6.85 2.50
CA ILE A 271 9.62 -7.90 2.61
C ILE A 271 8.96 -9.27 2.59
N MET A 272 7.82 -9.43 3.26
CA MET A 272 7.10 -10.70 3.22
C MET A 272 6.56 -10.99 1.83
N VAL A 273 6.16 -9.95 1.10
CA VAL A 273 5.69 -10.14 -0.27
C VAL A 273 6.81 -10.64 -1.16
N ASN A 274 8.00 -10.02 -1.06
CA ASN A 274 9.10 -10.41 -1.93
C ASN A 274 9.66 -11.77 -1.55
N CYS A 275 9.56 -12.16 -0.28
CA CYS A 275 10.03 -13.48 0.11
C CYS A 275 9.04 -14.56 -0.30
N ASN A 276 7.75 -14.32 -0.10
CA ASN A 276 6.74 -15.25 -0.58
C ASN A 276 6.80 -15.37 -2.10
N LEU A 277 7.03 -14.25 -2.79
CA LEU A 277 7.12 -14.29 -4.25
C LEU A 277 8.42 -14.95 -4.71
N GLU A 278 9.52 -14.71 -4.00
CA GLU A 278 10.77 -15.40 -4.31
C GLU A 278 10.64 -16.90 -4.07
N GLN A 279 9.74 -17.31 -3.18
CA GLN A 279 9.58 -18.74 -2.90
C GLN A 279 8.86 -19.46 -4.03
N ILE A 280 7.79 -18.87 -4.57
CA ILE A 280 7.04 -19.54 -5.62
C ILE A 280 7.88 -19.64 -6.89
N ASN A 281 8.53 -18.53 -7.27
CA ASN A 281 9.37 -18.56 -8.46
C ASN A 281 10.50 -19.56 -8.33
N ALA A 282 10.99 -19.76 -7.11
CA ALA A 282 12.00 -20.79 -6.91
C ALA A 282 11.40 -22.19 -6.94
N LEU A 283 10.11 -22.32 -6.60
CA LEU A 283 9.50 -23.64 -6.48
C LEU A 283 9.10 -24.21 -7.84
N ARG A 284 8.47 -23.39 -8.70
CA ARG A 284 8.16 -23.85 -10.05
C ARG A 284 9.42 -24.07 -10.88
N VAL A 285 10.52 -23.39 -10.56
CA VAL A 285 11.79 -23.71 -11.18
C VAL A 285 12.27 -25.09 -10.74
N GLN A 286 12.15 -25.39 -9.45
CA GLN A 286 12.48 -26.72 -8.94
C GLN A 286 11.53 -27.79 -9.44
N GLN A 287 10.41 -27.41 -10.07
CA GLN A 287 9.54 -28.36 -10.74
C GLN A 287 9.90 -28.54 -12.21
N MET A 288 10.42 -27.50 -12.85
CA MET A 288 10.90 -27.64 -14.23
C MET A 288 12.05 -28.64 -14.31
N HIS A 289 12.95 -28.60 -13.32
CA HIS A 289 14.11 -29.49 -13.29
C HIS A 289 13.69 -30.94 -13.13
N ILE B 13 -4.98 -7.53 -27.74
CA ILE B 13 -4.35 -8.72 -28.32
C ILE B 13 -2.99 -8.37 -28.88
N ALA B 14 -2.31 -7.41 -28.26
CA ALA B 14 -1.00 -7.01 -28.73
C ALA B 14 0.05 -8.07 -28.40
N ILE B 15 0.01 -8.62 -27.19
CA ILE B 15 0.96 -9.62 -26.72
C ILE B 15 2.37 -9.06 -26.87
N ALA B 16 2.70 -8.05 -26.06
CA ALA B 16 3.95 -7.33 -26.18
C ALA B 16 4.97 -7.81 -25.15
N SER B 17 6.24 -7.64 -25.48
CA SER B 17 7.33 -8.12 -24.64
C SER B 17 7.77 -7.03 -23.66
N THR B 18 8.67 -7.43 -22.74
CA THR B 18 9.14 -6.51 -21.71
C THR B 18 9.83 -5.29 -22.31
N LYS B 19 10.46 -5.44 -23.48
CA LYS B 19 11.08 -4.29 -24.12
C LYS B 19 10.05 -3.35 -24.73
N GLU B 20 8.86 -3.86 -25.05
CA GLU B 20 7.79 -2.98 -25.52
C GLU B 20 7.21 -2.16 -24.37
N VAL B 21 7.05 -2.78 -23.20
CA VAL B 21 6.52 -2.05 -22.05
C VAL B 21 7.52 -0.98 -21.60
N GLN B 22 8.81 -1.19 -21.88
CA GLN B 22 9.78 -0.13 -21.64
C GLN B 22 9.66 0.96 -22.68
N TRP B 23 9.41 0.59 -23.94
CA TRP B 23 9.26 1.58 -25.01
C TRP B 23 8.00 2.41 -24.84
N GLN B 24 6.91 1.77 -24.40
CA GLN B 24 5.70 2.53 -24.10
C GLN B 24 5.87 3.37 -22.85
N GLY B 25 6.68 2.90 -21.89
CA GLY B 25 6.90 3.67 -20.68
C GLY B 25 7.71 4.93 -20.93
N ILE B 26 8.76 4.83 -21.75
CA ILE B 26 9.55 6.02 -22.07
C ILE B 26 8.75 6.97 -22.93
N PHE B 27 7.78 6.47 -23.70
CA PHE B 27 6.91 7.36 -24.46
C PHE B 27 5.98 8.14 -23.54
N MET B 28 5.43 7.49 -22.52
CA MET B 28 4.53 8.17 -21.59
C MET B 28 5.26 9.27 -20.83
N ILE B 29 6.53 9.06 -20.50
CA ILE B 29 7.24 10.08 -19.72
C ILE B 29 7.69 11.24 -20.59
N ILE B 30 8.06 10.97 -21.85
CA ILE B 30 8.48 12.08 -22.72
C ILE B 30 7.25 12.84 -23.21
N VAL B 31 6.14 12.13 -23.47
CA VAL B 31 4.89 12.81 -23.79
C VAL B 31 4.31 13.51 -22.58
N TRP B 32 4.81 13.19 -21.38
CA TRP B 32 4.49 13.95 -20.17
C TRP B 32 5.48 15.09 -19.97
N LEU B 33 6.78 14.81 -20.13
CA LEU B 33 7.79 15.85 -20.00
C LEU B 33 7.61 16.96 -21.04
N CYS B 34 6.81 16.72 -22.08
CA CYS B 34 6.35 17.79 -22.95
C CYS B 34 5.11 18.49 -22.40
N VAL B 35 4.21 17.72 -21.78
CA VAL B 35 2.97 18.28 -21.26
C VAL B 35 3.25 19.26 -20.11
N MET B 36 4.12 18.88 -19.18
CA MET B 36 4.45 19.77 -18.07
C MET B 36 5.09 21.05 -18.58
N GLY B 37 6.03 20.95 -19.51
CA GLY B 37 6.63 22.14 -20.08
C GLY B 37 5.61 23.01 -20.79
N SER B 38 4.64 22.39 -21.46
CA SER B 38 3.56 23.15 -22.08
C SER B 38 2.75 23.90 -21.03
N LEU B 39 2.46 23.25 -19.90
CA LEU B 39 1.69 23.86 -18.83
C LEU B 39 2.51 24.78 -17.95
N ILE B 40 3.84 24.77 -18.09
CA ILE B 40 4.68 25.74 -17.41
C ILE B 40 4.85 27.00 -18.27
N PHE B 41 4.73 26.86 -19.60
CA PHE B 41 4.87 28.02 -20.47
C PHE B 41 3.72 28.99 -20.30
N PHE B 42 2.49 28.48 -20.18
CA PHE B 42 1.29 29.31 -20.03
C PHE B 42 1.00 29.65 -18.57
N ALA B 43 1.99 29.54 -17.68
CA ALA B 43 1.75 29.70 -16.26
C ALA B 43 1.46 31.15 -15.90
N ASN B 44 0.62 31.33 -14.88
CA ASN B 44 0.29 32.64 -14.31
C ASN B 44 0.51 32.53 -12.81
N PRO B 45 1.77 32.61 -12.36
CA PRO B 45 2.06 32.30 -10.95
C PRO B 45 1.36 33.21 -9.95
N GLU B 46 1.00 34.44 -10.35
CA GLU B 46 0.27 35.31 -9.46
C GLU B 46 -1.09 34.73 -9.11
N ALA B 47 -1.74 34.07 -10.08
CA ALA B 47 -3.02 33.43 -9.84
C ALA B 47 -2.88 32.03 -9.28
N SER B 48 -1.79 31.32 -9.60
CA SER B 48 -1.54 30.03 -8.98
C SER B 48 -1.31 30.17 -7.48
N ARG B 49 -0.55 31.20 -7.09
CA ARG B 49 -0.43 31.51 -5.66
C ARG B 49 -1.76 31.96 -5.09
N ARG B 50 -2.57 32.66 -5.89
CA ARG B 50 -3.88 33.11 -5.42
C ARG B 50 -4.84 31.94 -5.24
N VAL B 51 -4.75 30.92 -6.10
CA VAL B 51 -5.57 29.74 -5.93
C VAL B 51 -5.04 28.85 -4.81
N PHE B 52 -3.72 28.69 -4.74
CA PHE B 52 -3.10 27.91 -3.67
C PHE B 52 -3.02 28.75 -2.40
N ALA B 53 -4.09 29.47 -2.10
CA ALA B 53 -4.23 30.23 -0.86
C ALA B 53 -5.70 30.37 -0.54
N LYS B 54 -6.50 30.72 -1.56
CA LYS B 54 -7.95 30.69 -1.41
C LYS B 54 -8.44 29.30 -1.09
N PHE B 55 -7.77 28.27 -1.61
CA PHE B 55 -7.99 26.88 -1.24
C PHE B 55 -6.71 26.37 -0.60
N SER B 56 -6.70 26.31 0.74
CA SER B 56 -5.46 26.11 1.48
C SER B 56 -4.96 24.67 1.41
N HIS B 57 -5.83 23.70 1.72
CA HIS B 57 -5.39 22.31 1.82
C HIS B 57 -5.04 21.68 0.46
N LEU B 58 -5.03 22.42 -0.64
CA LEU B 58 -4.75 21.79 -1.94
C LEU B 58 -3.31 21.32 -2.04
N GLN B 59 -2.35 22.20 -1.68
CA GLN B 59 -0.95 21.83 -1.75
C GLN B 59 -0.63 20.65 -0.85
N SER B 60 -1.41 20.46 0.22
CA SER B 60 -1.25 19.27 1.05
C SER B 60 -2.00 18.08 0.48
N PHE B 61 -3.16 18.31 -0.13
CA PHE B 61 -3.92 17.23 -0.75
C PHE B 61 -3.11 16.55 -1.85
N TYR B 62 -2.51 17.36 -2.73
CA TYR B 62 -1.79 16.81 -3.87
C TYR B 62 -0.42 16.29 -3.46
N GLY B 63 0.25 16.98 -2.54
CA GLY B 63 1.51 16.49 -2.03
C GLY B 63 1.39 15.19 -1.27
N ALA B 64 0.26 14.99 -0.58
CA ALA B 64 0.02 13.72 0.10
C ALA B 64 -0.29 12.61 -0.90
N THR B 65 -0.93 12.94 -2.02
CA THR B 65 -1.20 11.94 -3.04
C THR B 65 0.08 11.50 -3.75
N SER B 66 1.02 12.42 -3.94
CA SER B 66 2.26 12.09 -4.61
C SER B 66 3.10 11.12 -3.79
N VAL B 67 3.18 11.34 -2.47
CA VAL B 67 3.91 10.42 -1.61
C VAL B 67 3.22 9.06 -1.59
N ALA B 68 1.89 9.05 -1.56
CA ALA B 68 1.16 7.79 -1.59
C ALA B 68 1.38 7.03 -2.88
N PHE B 69 1.59 7.75 -4.00
CA PHE B 69 1.88 7.09 -5.26
C PHE B 69 3.35 6.70 -5.39
N ALA B 70 4.23 7.28 -4.59
CA ALA B 70 5.63 6.89 -4.60
C ALA B 70 5.79 5.44 -4.16
N PHE B 71 5.12 5.07 -3.06
CA PHE B 71 5.10 3.68 -2.63
C PHE B 71 4.26 2.80 -3.55
N ALA B 72 3.31 3.39 -4.29
CA ALA B 72 2.50 2.60 -5.20
C ALA B 72 3.35 2.06 -6.36
N THR B 73 4.33 2.84 -6.81
CA THR B 73 5.24 2.34 -7.84
C THR B 73 6.23 1.34 -7.26
N GLY B 74 6.72 1.59 -6.06
CA GLY B 74 7.61 0.63 -5.41
C GLY B 74 6.99 -0.74 -5.27
N LEU B 75 5.68 -0.81 -5.08
CA LEU B 75 4.99 -2.10 -5.02
C LEU B 75 4.94 -2.77 -6.39
N ASP B 76 5.01 -2.00 -7.47
CA ASP B 76 4.99 -2.54 -8.82
C ASP B 76 6.38 -2.99 -9.28
N ILE B 77 7.42 -2.24 -8.91
CA ILE B 77 8.77 -2.64 -9.26
C ILE B 77 9.16 -3.93 -8.53
N LEU B 78 8.56 -4.17 -7.36
CA LEU B 78 8.76 -5.45 -6.68
C LEU B 78 7.98 -6.56 -7.38
N ALA B 79 6.74 -6.26 -7.78
CA ALA B 79 5.93 -7.25 -8.48
C ALA B 79 6.49 -7.55 -9.87
N TYR B 80 7.19 -6.59 -10.47
CA TYR B 80 7.76 -6.81 -11.79
C TYR B 80 8.97 -7.73 -11.74
N VAL B 81 9.88 -7.50 -10.78
CA VAL B 81 11.07 -8.33 -10.68
C VAL B 81 10.72 -9.73 -10.19
N ASN B 82 9.88 -9.82 -9.15
CA ASN B 82 9.47 -11.10 -8.58
C ASN B 82 8.23 -11.66 -9.27
N ALA B 83 7.99 -11.31 -10.54
CA ALA B 83 6.80 -11.78 -11.24
C ALA B 83 6.86 -13.29 -11.44
N VAL B 84 5.71 -13.94 -11.34
CA VAL B 84 5.67 -15.40 -11.41
C VAL B 84 5.90 -15.88 -12.84
N SER B 85 5.38 -15.16 -13.82
CA SER B 85 5.55 -15.53 -15.21
C SER B 85 6.09 -14.33 -15.99
N ASP B 86 6.49 -14.59 -17.23
CA ASP B 86 6.80 -13.51 -18.16
C ASP B 86 5.55 -12.89 -18.76
N GLU B 87 4.40 -13.56 -18.63
CA GLU B 87 3.13 -12.93 -18.99
C GLU B 87 2.72 -11.89 -17.95
N LYS B 88 2.59 -12.32 -16.70
CA LYS B 88 2.27 -11.40 -15.61
C LYS B 88 3.37 -10.38 -15.36
N ARG B 89 4.55 -10.59 -15.93
CA ARG B 89 5.62 -9.61 -15.82
C ARG B 89 5.26 -8.32 -16.56
N VAL B 90 4.93 -8.44 -17.85
CA VAL B 90 4.63 -7.27 -18.66
C VAL B 90 3.33 -6.58 -18.26
N LEU B 91 2.49 -7.23 -17.45
CA LEU B 91 1.29 -6.56 -16.94
C LEU B 91 1.64 -5.61 -15.81
N SER B 92 2.49 -6.03 -14.88
CA SER B 92 3.00 -5.12 -13.86
C SER B 92 3.95 -4.08 -14.43
N GLY B 93 4.38 -4.24 -15.68
CA GLY B 93 5.22 -3.26 -16.33
C GLY B 93 4.45 -2.02 -16.71
N ILE B 94 3.24 -2.19 -17.25
CA ILE B 94 2.40 -1.05 -17.60
C ILE B 94 1.96 -0.31 -16.34
N LEU B 95 1.55 -1.06 -15.31
CA LEU B 95 1.15 -0.43 -14.06
C LEU B 95 2.32 0.28 -13.38
N ALA B 96 3.54 -0.17 -13.64
CA ALA B 96 4.70 0.51 -13.08
C ALA B 96 4.83 1.92 -13.61
N TYR B 97 4.55 2.13 -14.89
CA TYR B 97 4.67 3.45 -15.49
C TYR B 97 3.41 4.29 -15.26
N VAL B 98 2.23 3.66 -15.33
CA VAL B 98 0.98 4.39 -15.12
C VAL B 98 0.95 5.00 -13.72
N ASP B 99 1.42 4.26 -12.72
CA ASP B 99 1.47 4.78 -11.36
C ASP B 99 2.63 5.74 -11.16
N GLY B 100 3.71 5.58 -11.92
CA GLY B 100 4.79 6.54 -11.86
C GLY B 100 4.42 7.90 -12.41
N VAL B 101 3.57 7.92 -13.44
CA VAL B 101 3.08 9.19 -13.97
C VAL B 101 2.17 9.86 -12.95
N ALA B 102 1.41 9.07 -12.18
CA ALA B 102 0.56 9.65 -11.15
C ALA B 102 1.38 10.35 -10.07
N CYS B 103 2.61 9.89 -9.83
CA CYS B 103 3.44 10.50 -8.79
C CYS B 103 4.10 11.78 -9.28
N ILE B 104 4.64 11.78 -10.51
CA ILE B 104 5.26 12.99 -11.03
C ILE B 104 4.22 14.05 -11.37
N SER B 105 2.97 13.65 -11.62
CA SER B 105 1.91 14.63 -11.83
C SER B 105 1.58 15.36 -10.54
N TYR B 106 1.26 14.62 -9.49
CA TYR B 106 0.90 15.25 -8.21
C TYR B 106 2.08 15.90 -7.53
N LEU B 107 3.30 15.44 -7.81
CA LEU B 107 4.47 16.16 -7.32
C LEU B 107 4.55 17.55 -7.94
N SER B 108 4.27 17.66 -9.25
CA SER B 108 4.28 18.94 -9.92
C SER B 108 3.03 19.75 -9.61
N MET B 109 1.89 19.08 -9.47
CA MET B 109 0.65 19.78 -9.12
C MET B 109 0.76 20.46 -7.75
N ALA B 110 1.61 19.96 -6.87
CA ALA B 110 1.73 20.48 -5.52
C ALA B 110 2.94 21.37 -5.31
N THR B 111 3.86 21.45 -6.28
CA THR B 111 5.08 22.21 -6.10
C THR B 111 5.41 23.17 -7.24
N LEU B 112 4.73 23.10 -8.38
CA LEU B 112 5.08 23.88 -9.55
C LEU B 112 4.02 24.93 -9.86
N ASN B 113 4.40 25.87 -10.74
CA ASN B 113 3.50 26.89 -11.27
C ASN B 113 2.96 26.38 -12.61
N LEU B 114 1.74 25.87 -12.60
CA LEU B 114 1.14 25.21 -13.75
C LEU B 114 0.03 26.07 -14.35
N TYR B 115 -0.52 25.56 -15.45
CA TYR B 115 -1.57 26.24 -16.21
C TYR B 115 -2.92 25.62 -15.86
N PHE B 116 -3.89 26.48 -15.53
CA PHE B 116 -5.24 26.04 -15.24
C PHE B 116 -6.22 27.05 -15.81
N LEU B 117 -7.48 26.63 -15.91
CA LEU B 117 -8.52 27.41 -16.56
C LEU B 117 -9.63 27.76 -15.57
N VAL B 118 -10.17 28.97 -15.69
CA VAL B 118 -11.35 29.34 -14.94
C VAL B 118 -12.56 28.62 -15.52
N ASP B 119 -13.33 27.97 -14.66
CA ASP B 119 -14.52 27.25 -15.10
C ASP B 119 -15.77 28.09 -14.85
N SER B 120 -16.77 27.91 -15.71
CA SER B 120 -17.93 28.78 -15.71
C SER B 120 -18.94 28.44 -14.62
N THR B 121 -18.91 27.22 -14.10
CA THR B 121 -19.93 26.80 -13.13
C THR B 121 -19.79 27.55 -11.81
N GLN B 122 -18.60 27.49 -11.21
CA GLN B 122 -18.38 28.09 -9.90
C GLN B 122 -17.14 28.97 -9.82
N GLY B 123 -16.43 29.18 -10.93
CA GLY B 123 -15.20 29.95 -10.89
C GLY B 123 -14.00 29.22 -10.33
N ASN B 124 -14.08 27.90 -10.19
CA ASN B 124 -12.99 27.11 -9.65
C ASN B 124 -11.91 26.88 -10.69
N PRO B 125 -10.72 26.46 -10.27
CA PRO B 125 -9.69 26.07 -11.24
C PRO B 125 -10.01 24.74 -11.90
N VAL B 126 -9.42 24.56 -13.08
CA VAL B 126 -9.44 23.28 -13.79
C VAL B 126 -7.99 22.88 -13.98
N TRP B 127 -7.57 21.83 -13.28
CA TRP B 127 -6.14 21.61 -13.06
C TRP B 127 -5.40 21.25 -14.35
N LEU B 128 -6.08 20.64 -15.31
CA LEU B 128 -5.52 20.34 -16.64
C LEU B 128 -4.29 19.43 -16.58
N MET B 129 -3.42 19.61 -15.59
CA MET B 129 -2.35 18.66 -15.38
C MET B 129 -2.90 17.29 -14.98
N ARG B 130 -3.93 17.29 -14.13
CA ARG B 130 -4.59 16.04 -13.78
C ARG B 130 -5.37 15.49 -14.96
N TYR B 131 -6.00 16.37 -15.75
CA TYR B 131 -6.61 15.92 -16.99
C TYR B 131 -5.55 15.39 -17.95
N ALA B 132 -4.42 16.09 -18.06
CA ALA B 132 -3.31 15.61 -18.88
C ALA B 132 -2.72 14.32 -18.34
N GLU B 133 -2.94 14.01 -17.07
CA GLU B 133 -2.56 12.70 -16.55
C GLU B 133 -3.52 11.62 -17.02
N TRP B 134 -4.82 11.87 -16.89
CA TRP B 134 -5.82 10.85 -17.20
C TRP B 134 -5.80 10.50 -18.68
N ILE B 135 -5.59 11.50 -19.54
CA ILE B 135 -5.52 11.21 -20.98
C ILE B 135 -4.25 10.43 -21.32
N ILE B 136 -3.23 10.50 -20.47
CA ILE B 136 -2.05 9.65 -20.65
C ILE B 136 -2.22 8.29 -19.97
N THR B 137 -2.95 8.25 -18.85
CA THR B 137 -3.08 7.03 -18.07
C THR B 137 -4.27 6.18 -18.48
N CYS B 138 -5.46 6.76 -18.55
CA CYS B 138 -6.67 5.98 -18.78
C CYS B 138 -6.67 5.20 -20.09
N PRO B 139 -6.23 5.75 -21.22
CA PRO B 139 -6.11 4.89 -22.42
C PRO B 139 -5.20 3.70 -22.21
N THR B 140 -4.10 3.88 -21.48
CA THR B 140 -3.17 2.78 -21.26
C THR B 140 -3.80 1.69 -20.39
N LEU B 141 -4.58 2.08 -19.37
CA LEU B 141 -5.20 1.08 -18.50
C LEU B 141 -6.27 0.27 -19.25
N LEU B 142 -6.89 0.86 -20.27
CA LEU B 142 -7.81 0.08 -21.09
C LEU B 142 -7.07 -0.83 -22.05
N TYR B 143 -5.93 -0.38 -22.57
CA TYR B 143 -5.02 -1.28 -23.28
C TYR B 143 -4.50 -2.36 -22.36
N TRP B 144 -4.34 -2.06 -21.07
CA TRP B 144 -3.99 -3.07 -20.09
C TRP B 144 -5.09 -4.13 -20.01
N CYS B 145 -6.35 -3.71 -20.01
CA CYS B 145 -7.46 -4.65 -20.05
C CYS B 145 -7.51 -5.42 -21.36
N GLY B 146 -7.00 -4.82 -22.44
CA GLY B 146 -6.88 -5.52 -23.70
C GLY B 146 -5.84 -6.61 -23.72
N LEU B 147 -5.10 -6.80 -22.64
CA LEU B 147 -4.14 -7.88 -22.49
C LEU B 147 -4.53 -8.91 -21.45
N ALA B 148 -5.11 -8.47 -20.33
CA ALA B 148 -5.63 -9.40 -19.34
C ALA B 148 -6.81 -10.21 -19.87
N SER B 149 -7.45 -9.72 -20.94
CA SER B 149 -8.53 -10.44 -21.60
C SER B 149 -8.21 -10.80 -23.05
N ARG B 150 -7.28 -10.08 -23.69
CA ARG B 150 -6.89 -10.33 -25.08
C ARG B 150 -8.06 -10.12 -26.04
N ALA B 151 -8.75 -8.99 -25.87
CA ALA B 151 -9.83 -8.64 -26.78
C ALA B 151 -9.26 -8.24 -28.14
N ASP B 152 -10.18 -8.00 -29.09
CA ASP B 152 -9.77 -7.61 -30.43
C ASP B 152 -8.99 -6.30 -30.38
N ARG B 153 -7.94 -6.21 -31.21
CA ARG B 153 -7.11 -5.02 -31.25
C ARG B 153 -7.90 -3.79 -31.67
N SER B 154 -9.04 -3.97 -32.34
CA SER B 154 -9.91 -2.85 -32.71
C SER B 154 -10.90 -2.53 -31.60
N SER B 155 -11.54 -3.56 -31.02
CA SER B 155 -12.49 -3.33 -29.94
C SER B 155 -11.83 -2.68 -28.72
N VAL B 156 -10.51 -2.71 -28.63
CA VAL B 156 -9.80 -2.02 -27.56
C VAL B 156 -9.48 -0.58 -27.94
N SER B 157 -8.90 -0.37 -29.13
CA SER B 157 -8.61 0.99 -29.58
C SER B 157 -9.88 1.80 -29.76
N ASP B 158 -11.03 1.13 -29.87
CA ASP B 158 -12.32 1.84 -29.85
C ASP B 158 -12.52 2.53 -28.51
N ILE B 159 -12.62 1.75 -27.43
CA ILE B 159 -12.86 2.33 -26.11
C ILE B 159 -11.63 3.09 -25.61
N ALA B 160 -10.44 2.72 -26.08
CA ALA B 160 -9.24 3.44 -25.67
C ALA B 160 -9.27 4.88 -26.17
N THR B 161 -9.60 5.07 -27.45
CA THR B 161 -9.75 6.41 -28.00
C THR B 161 -11.03 7.07 -27.54
N ALA B 162 -12.09 6.29 -27.33
CA ALA B 162 -13.35 6.87 -26.85
C ALA B 162 -13.22 7.36 -25.42
N ASP B 163 -12.30 6.79 -24.64
CA ASP B 163 -12.12 7.25 -23.26
C ASP B 163 -11.17 8.44 -23.20
N ALA B 164 -10.25 8.56 -24.16
CA ALA B 164 -9.38 9.73 -24.21
C ALA B 164 -10.15 10.98 -24.55
N LEU B 165 -10.95 10.92 -25.62
CA LEU B 165 -11.83 12.05 -25.96
C LEU B 165 -12.86 12.30 -24.88
N LEU B 166 -13.24 11.24 -24.15
CA LEU B 166 -14.17 11.37 -23.04
C LEU B 166 -13.65 12.36 -22.00
N LEU B 167 -12.42 12.14 -21.52
CA LEU B 167 -11.84 13.02 -20.52
C LEU B 167 -11.68 14.44 -21.06
N ALA B 168 -11.37 14.56 -22.36
CA ALA B 168 -11.16 15.87 -22.95
C ALA B 168 -12.44 16.69 -22.94
N GLY B 169 -13.56 16.06 -23.28
CA GLY B 169 -14.83 16.78 -23.28
C GLY B 169 -15.18 17.33 -21.91
N GLY B 170 -15.10 16.49 -20.88
CA GLY B 170 -15.39 16.94 -19.53
C GLY B 170 -14.46 18.04 -19.05
N ALA B 171 -13.25 18.09 -19.61
CA ALA B 171 -12.35 19.20 -19.33
C ALA B 171 -12.79 20.46 -20.06
N LEU B 172 -12.99 20.35 -21.38
CA LEU B 172 -13.44 21.47 -22.19
C LEU B 172 -14.94 21.72 -22.09
N SER B 173 -15.62 21.11 -21.12
CA SER B 173 -17.02 21.44 -20.83
C SER B 173 -17.16 22.44 -19.69
N SER B 174 -16.12 22.62 -18.89
CA SER B 174 -16.18 23.59 -17.80
C SER B 174 -16.15 25.02 -18.32
N ILE B 175 -15.48 25.25 -19.45
CA ILE B 175 -15.40 26.60 -20.01
C ILE B 175 -16.70 26.98 -20.71
N LEU B 176 -17.45 25.99 -21.23
CA LEU B 176 -18.61 26.27 -22.06
C LEU B 176 -19.71 26.95 -21.25
N PRO B 177 -20.60 27.68 -21.93
CA PRO B 177 -21.78 28.23 -21.25
C PRO B 177 -22.68 27.13 -20.68
N SER B 178 -23.76 27.54 -20.02
CA SER B 178 -24.59 26.61 -19.25
C SER B 178 -25.05 25.43 -20.09
N TRP B 179 -25.82 25.70 -21.16
CA TRP B 179 -26.39 24.61 -21.95
C TRP B 179 -25.32 23.80 -22.68
N PRO B 180 -24.37 24.39 -23.42
CA PRO B 180 -23.35 23.55 -24.06
C PRO B 180 -22.46 22.82 -23.07
N ALA B 181 -22.38 23.28 -21.82
CA ALA B 181 -21.70 22.49 -20.81
C ALA B 181 -22.50 21.24 -20.47
N PHE B 182 -23.81 21.41 -20.22
CA PHE B 182 -24.67 20.27 -19.91
C PHE B 182 -24.63 19.23 -21.02
N PHE B 183 -24.61 19.67 -22.28
CA PHE B 183 -24.70 18.74 -23.40
C PHE B 183 -23.36 18.09 -23.72
N VAL B 184 -22.25 18.81 -23.53
CA VAL B 184 -20.94 18.20 -23.71
C VAL B 184 -20.61 17.29 -22.52
N PHE B 185 -20.95 17.73 -21.31
CA PHE B 185 -20.74 16.89 -20.13
C PHE B 185 -21.59 15.64 -20.19
N ALA B 186 -22.85 15.76 -20.60
CA ALA B 186 -23.69 14.58 -20.74
C ALA B 186 -23.24 13.68 -21.87
N GLY B 187 -22.55 14.25 -22.87
CA GLY B 187 -21.99 13.42 -23.92
C GLY B 187 -20.81 12.61 -23.45
N SER B 188 -20.02 13.15 -22.53
CA SER B 188 -18.89 12.40 -21.97
C SER B 188 -19.38 11.28 -21.05
N PHE B 189 -20.46 11.54 -20.31
CA PHE B 189 -20.98 10.52 -19.39
C PHE B 189 -21.55 9.33 -20.15
N ALA B 190 -22.25 9.59 -21.26
CA ALA B 190 -22.78 8.50 -22.06
C ALA B 190 -21.65 7.65 -22.65
N THR B 191 -20.55 8.29 -23.05
CA THR B 191 -19.38 7.55 -23.52
C THR B 191 -18.74 6.77 -22.37
N TYR B 192 -18.91 7.24 -21.13
CA TYR B 192 -18.35 6.52 -19.99
C TYR B 192 -18.99 5.14 -19.85
N ILE B 193 -20.32 5.09 -19.88
CA ILE B 193 -21.01 3.81 -19.79
C ILE B 193 -20.61 2.91 -20.95
N TYR B 194 -20.34 3.49 -22.12
CA TYR B 194 -19.85 2.71 -23.25
C TYR B 194 -18.54 2.01 -22.92
N VAL B 195 -17.62 2.72 -22.26
CA VAL B 195 -16.34 2.12 -21.90
C VAL B 195 -16.53 1.05 -20.84
N MET B 196 -17.41 1.31 -19.86
CA MET B 196 -17.65 0.36 -18.79
C MET B 196 -18.52 -0.81 -19.23
N LEU B 197 -19.33 -0.65 -20.27
CA LEU B 197 -20.12 -1.77 -20.77
C LEU B 197 -19.28 -2.71 -21.63
N HIS B 198 -18.43 -2.15 -22.49
CA HIS B 198 -17.58 -3.00 -23.33
C HIS B 198 -16.59 -3.78 -22.49
N MET B 199 -16.09 -3.17 -21.40
CA MET B 199 -15.13 -3.84 -20.53
C MET B 199 -15.77 -5.01 -19.80
N TRP B 200 -16.92 -4.77 -19.17
CA TRP B 200 -17.61 -5.84 -18.45
C TRP B 200 -17.90 -7.01 -19.37
N GLY B 201 -18.20 -6.75 -20.64
CA GLY B 201 -18.29 -7.80 -21.63
C GLY B 201 -16.96 -8.23 -22.21
N MET B 202 -15.92 -7.43 -22.02
CA MET B 202 -14.58 -7.80 -22.48
C MET B 202 -13.95 -8.83 -21.55
N PHE B 203 -14.06 -8.62 -20.24
CA PHE B 203 -13.59 -9.62 -19.29
C PHE B 203 -14.54 -10.79 -19.20
N GLY B 204 -15.85 -10.53 -19.23
CA GLY B 204 -16.83 -11.60 -19.12
C GLY B 204 -16.70 -12.65 -20.21
N LYS B 205 -16.25 -12.24 -21.39
CA LYS B 205 -16.01 -13.20 -22.47
C LYS B 205 -14.67 -13.90 -22.33
N ALA B 206 -13.76 -13.37 -21.52
CA ALA B 206 -12.49 -14.03 -21.23
C ALA B 206 -12.56 -14.92 -20.00
N MET B 207 -13.58 -14.78 -19.17
CA MET B 207 -13.76 -15.61 -17.99
C MET B 207 -14.33 -16.98 -18.32
N GLN B 208 -14.78 -17.20 -19.55
CA GLN B 208 -15.39 -18.47 -19.91
C GLN B 208 -14.36 -19.60 -19.81
N PRO B 209 -14.69 -20.72 -19.17
CA PRO B 209 -13.72 -21.83 -19.03
C PRO B 209 -13.33 -22.48 -20.35
N ASP B 210 -13.89 -22.03 -21.47
CA ASP B 210 -13.57 -22.52 -22.81
C ASP B 210 -13.16 -21.32 -23.64
N PHE B 211 -11.91 -20.89 -23.49
CA PHE B 211 -11.49 -19.65 -24.12
C PHE B 211 -10.01 -19.74 -24.49
N GLN B 212 -9.75 -19.98 -25.78
CA GLN B 212 -8.43 -19.65 -26.29
C GLN B 212 -8.47 -18.25 -26.88
N PRO B 213 -7.42 -17.43 -26.70
CA PRO B 213 -6.16 -17.74 -26.01
C PRO B 213 -6.27 -17.54 -24.50
N PRO B 214 -5.85 -18.55 -23.73
CA PRO B 214 -6.03 -18.53 -22.27
C PRO B 214 -5.43 -17.27 -21.67
N PRO B 215 -6.19 -16.55 -20.84
CA PRO B 215 -5.73 -15.23 -20.39
C PRO B 215 -4.57 -15.36 -19.42
N PRO B 216 -3.70 -14.35 -19.37
CA PRO B 216 -2.53 -14.43 -18.48
C PRO B 216 -2.89 -14.35 -17.00
N LEU B 217 -4.14 -14.06 -16.67
CA LEU B 217 -4.63 -14.07 -15.29
C LEU B 217 -5.68 -15.17 -15.13
N PRO B 218 -5.85 -15.71 -13.92
CA PRO B 218 -6.89 -16.72 -13.72
C PRO B 218 -8.28 -16.16 -13.99
N ARG B 219 -9.19 -17.06 -14.34
CA ARG B 219 -10.52 -16.64 -14.81
C ARG B 219 -11.26 -15.84 -13.75
N HIS B 220 -11.17 -16.24 -12.48
CA HIS B 220 -11.90 -15.55 -11.43
C HIS B 220 -11.38 -14.14 -11.22
N ALA B 221 -10.08 -13.92 -11.40
CA ALA B 221 -9.49 -12.61 -11.12
C ALA B 221 -9.98 -11.55 -12.09
N LEU B 222 -10.38 -11.94 -13.30
CA LEU B 222 -10.88 -10.97 -14.26
C LEU B 222 -12.15 -10.30 -13.77
N HIS B 223 -12.98 -11.02 -13.00
CA HIS B 223 -14.17 -10.40 -12.42
C HIS B 223 -13.79 -9.31 -11.43
N LEU B 224 -12.71 -9.52 -10.68
CA LEU B 224 -12.22 -8.49 -9.77
C LEU B 224 -11.80 -7.24 -10.53
N LEU B 225 -11.26 -7.40 -11.74
CA LEU B 225 -10.82 -6.26 -12.53
C LEU B 225 -12.01 -5.49 -13.08
N ARG B 226 -12.97 -6.21 -13.68
CA ARG B 226 -14.16 -5.54 -14.19
C ARG B 226 -15.09 -5.06 -13.09
N CYS B 227 -14.83 -5.45 -11.83
CA CYS B 227 -15.54 -4.88 -10.70
C CYS B 227 -14.81 -3.68 -10.12
N GLU B 228 -13.52 -3.82 -9.86
CA GLU B 228 -12.75 -2.73 -9.27
C GLU B 228 -12.76 -1.49 -10.16
N ILE B 229 -12.61 -1.68 -11.47
CA ILE B 229 -12.56 -0.55 -12.39
C ILE B 229 -13.91 0.15 -12.46
N VAL B 230 -14.99 -0.62 -12.47
CA VAL B 230 -16.32 -0.03 -12.66
C VAL B 230 -16.70 0.84 -11.46
N MET B 231 -16.52 0.32 -10.24
CA MET B 231 -16.95 1.04 -9.05
C MET B 231 -15.89 1.96 -8.48
N SER B 232 -14.71 2.06 -9.10
CA SER B 232 -13.72 3.05 -8.73
C SER B 232 -13.60 4.19 -9.72
N TRP B 233 -13.79 3.93 -11.02
CA TRP B 233 -13.79 5.00 -12.01
C TRP B 233 -15.08 5.81 -11.98
N SER B 234 -16.16 5.24 -11.46
CA SER B 234 -17.44 5.95 -11.37
C SER B 234 -17.39 7.13 -10.42
N ILE B 235 -16.38 7.22 -9.56
CA ILE B 235 -16.33 8.29 -8.57
C ILE B 235 -16.04 9.63 -9.23
N PHE B 236 -15.15 9.65 -10.22
CA PHE B 236 -14.75 10.92 -10.84
C PHE B 236 -15.93 11.66 -11.48
N PRO B 237 -16.76 11.05 -12.31
CA PRO B 237 -17.93 11.79 -12.83
C PRO B 237 -18.95 12.12 -11.75
N LEU B 238 -18.95 11.39 -10.64
CA LEU B 238 -19.87 11.68 -9.55
C LEU B 238 -19.43 12.87 -8.72
N VAL B 239 -18.14 13.19 -8.70
CA VAL B 239 -17.65 14.36 -7.99
C VAL B 239 -17.76 15.62 -8.84
N GLU B 240 -17.38 15.53 -10.12
CA GLU B 240 -17.52 16.67 -11.02
C GLU B 240 -18.98 17.05 -11.23
N PHE B 241 -19.89 16.10 -11.08
CA PHE B 241 -21.32 16.42 -11.16
C PHE B 241 -21.77 17.20 -9.94
N LEU B 242 -21.51 16.67 -8.74
CA LEU B 242 -21.98 17.32 -7.52
C LEU B 242 -21.32 18.69 -7.33
N ARG B 243 -20.01 18.78 -7.60
CA ARG B 243 -19.30 20.02 -7.34
C ARG B 243 -19.74 21.13 -8.29
N ARG B 244 -19.98 20.81 -9.55
CA ARG B 244 -20.50 21.81 -10.48
C ARG B 244 -21.91 22.23 -10.10
N GLN B 245 -22.73 21.27 -9.66
CA GLN B 245 -24.05 21.61 -9.14
C GLN B 245 -23.98 22.53 -7.93
N GLY B 246 -22.82 22.62 -7.29
CA GLY B 246 -22.67 23.42 -6.09
C GLY B 246 -23.10 22.74 -4.82
N TYR B 247 -23.22 21.42 -4.81
CA TYR B 247 -23.72 20.69 -3.66
C TYR B 247 -22.62 20.18 -2.74
N ILE B 248 -21.35 20.31 -3.13
CA ILE B 248 -20.22 20.01 -2.26
C ILE B 248 -19.17 21.11 -2.43
N ASP B 249 -18.35 21.28 -1.39
CA ASP B 249 -17.25 22.23 -1.45
C ASP B 249 -16.22 21.78 -2.50
N PHE B 250 -15.39 22.74 -2.93
CA PHE B 250 -14.38 22.41 -3.93
C PHE B 250 -13.32 21.48 -3.36
N GLN B 251 -12.81 21.78 -2.16
CA GLN B 251 -11.76 20.95 -1.56
C GLN B 251 -12.30 19.57 -1.20
N VAL B 252 -13.52 19.51 -0.66
CA VAL B 252 -14.15 18.22 -0.37
C VAL B 252 -14.25 17.40 -1.65
N GLY B 253 -14.50 18.05 -2.79
CA GLY B 253 -14.49 17.33 -4.05
C GLY B 253 -13.10 16.93 -4.49
N GLU B 254 -12.11 17.79 -4.21
CA GLU B 254 -10.74 17.47 -4.58
C GLU B 254 -10.18 16.31 -3.75
N ALA B 255 -10.56 16.26 -2.47
CA ALA B 255 -10.09 15.17 -1.61
C ALA B 255 -10.57 13.82 -2.15
N MET B 256 -11.82 13.73 -2.58
CA MET B 256 -12.33 12.49 -3.15
C MET B 256 -11.58 12.14 -4.43
N ASN B 257 -11.30 13.14 -5.27
CA ASN B 257 -10.58 12.88 -6.52
C ASN B 257 -9.19 12.31 -6.26
N CYS B 258 -8.52 12.80 -5.21
CA CYS B 258 -7.17 12.32 -4.92
C CYS B 258 -7.19 10.90 -4.36
N VAL B 259 -8.20 10.57 -3.56
CA VAL B 259 -8.27 9.23 -2.99
C VAL B 259 -8.80 8.23 -4.02
N ALA B 260 -9.76 8.66 -4.85
CA ALA B 260 -10.23 7.80 -5.94
C ALA B 260 -9.15 7.59 -6.98
N ASP B 261 -8.33 8.62 -7.23
CA ASP B 261 -7.18 8.45 -8.12
C ASP B 261 -6.21 7.42 -7.55
N TYR B 262 -6.13 7.31 -6.22
CA TYR B 262 -5.26 6.33 -5.58
C TYR B 262 -5.85 4.93 -5.65
N ALA B 263 -7.10 4.79 -5.20
CA ALA B 263 -7.71 3.46 -5.11
C ALA B 263 -7.87 2.80 -6.48
N ALA B 264 -8.01 3.61 -7.53
CA ALA B 264 -8.22 3.03 -8.86
C ALA B 264 -6.95 2.37 -9.39
N LYS B 265 -5.81 3.04 -9.28
CA LYS B 265 -4.56 2.47 -9.78
C LYS B 265 -3.98 1.45 -8.81
N VAL B 266 -4.04 1.75 -7.50
CA VAL B 266 -3.52 0.80 -6.51
C VAL B 266 -4.36 -0.46 -6.47
N GLY B 267 -5.67 -0.35 -6.75
CA GLY B 267 -6.52 -1.52 -6.75
C GLY B 267 -6.09 -2.58 -7.74
N LEU B 268 -5.47 -2.16 -8.84
CA LEU B 268 -4.97 -3.13 -9.81
C LEU B 268 -3.72 -3.82 -9.30
N ALA B 269 -2.81 -3.05 -8.67
CA ALA B 269 -1.56 -3.64 -8.19
C ALA B 269 -1.81 -4.69 -7.12
N MET B 270 -2.72 -4.41 -6.18
CA MET B 270 -3.05 -5.40 -5.16
C MET B 270 -3.68 -6.65 -5.77
N ILE B 271 -4.36 -6.49 -6.91
CA ILE B 271 -4.89 -7.66 -7.61
C ILE B 271 -3.78 -8.41 -8.36
N MET B 272 -2.79 -7.68 -8.89
CA MET B 272 -1.63 -8.35 -9.47
C MET B 272 -0.84 -9.09 -8.40
N VAL B 273 -0.67 -8.48 -7.23
CA VAL B 273 -0.01 -9.17 -6.12
C VAL B 273 -0.81 -10.39 -5.70
N ASN B 274 -2.14 -10.24 -5.64
CA ASN B 274 -3.00 -11.36 -5.28
C ASN B 274 -2.84 -12.51 -6.29
N CYS B 275 -2.70 -12.19 -7.57
CA CYS B 275 -2.56 -13.23 -8.58
C CYS B 275 -1.20 -13.92 -8.49
N ASN B 276 -0.14 -13.15 -8.24
CA ASN B 276 1.19 -13.74 -8.15
C ASN B 276 1.33 -14.61 -6.90
N LEU B 277 0.60 -14.30 -5.84
CA LEU B 277 0.57 -15.14 -4.65
C LEU B 277 -0.38 -16.32 -4.78
N GLU B 278 -1.24 -16.33 -5.79
CA GLU B 278 -2.20 -17.43 -5.96
C GLU B 278 -1.65 -18.58 -6.79
N GLN B 279 -0.67 -18.33 -7.65
CA GLN B 279 -0.04 -19.42 -8.38
C GLN B 279 0.66 -20.39 -7.45
N ILE B 280 0.84 -20.03 -6.18
CA ILE B 280 1.46 -20.94 -5.22
C ILE B 280 0.55 -22.13 -4.94
N ASN B 281 -0.77 -21.94 -4.98
CA ASN B 281 -1.67 -23.08 -4.93
C ASN B 281 -1.51 -23.94 -6.18
N ALA B 282 -1.40 -23.31 -7.35
CA ALA B 282 -1.17 -24.06 -8.58
C ALA B 282 0.11 -24.86 -8.51
N LEU B 283 1.14 -24.32 -7.86
CA LEU B 283 2.35 -25.11 -7.61
C LEU B 283 2.04 -26.31 -6.73
N ARG B 284 1.26 -26.09 -5.66
CA ARG B 284 0.93 -27.14 -4.73
C ARG B 284 -0.12 -28.10 -5.26
N VAL B 285 -0.75 -27.79 -6.40
CA VAL B 285 -1.58 -28.78 -7.08
C VAL B 285 -0.70 -29.69 -7.94
N GLN B 286 0.35 -29.13 -8.56
CA GLN B 286 1.26 -29.94 -9.35
C GLN B 286 2.09 -30.87 -8.47
N GLN B 287 2.48 -30.39 -7.28
CA GLN B 287 3.23 -31.24 -6.35
C GLN B 287 2.41 -32.43 -5.89
N MET B 288 1.10 -32.24 -5.75
CA MET B 288 0.23 -33.35 -5.34
C MET B 288 0.16 -34.41 -6.43
N HIS B 289 -0.06 -33.99 -7.68
CA HIS B 289 -0.19 -34.95 -8.77
C HIS B 289 1.11 -35.71 -9.01
N SER B 290 2.25 -35.03 -8.88
CA SER B 290 3.53 -35.69 -9.07
C SER B 290 3.73 -36.80 -8.04
N ALA B 291 3.47 -36.49 -6.77
CA ALA B 291 3.62 -37.48 -5.72
C ALA B 291 2.50 -38.51 -5.73
N LEU B 292 1.39 -38.23 -6.42
CA LEU B 292 0.34 -39.24 -6.57
C LEU B 292 0.71 -40.26 -7.64
N THR B 293 1.13 -39.78 -8.81
CA THR B 293 1.60 -40.69 -9.85
C THR B 293 2.90 -41.38 -9.45
N GLY B 294 3.69 -40.74 -8.59
CA GLY B 294 4.89 -41.40 -8.08
C GLY B 294 4.56 -42.61 -7.24
N MET B 295 3.59 -42.47 -6.33
CA MET B 295 3.09 -43.63 -5.60
C MET B 295 2.30 -44.57 -6.50
N LEU B 296 1.78 -44.08 -7.62
CA LEU B 296 1.12 -44.95 -8.59
C LEU B 296 2.14 -45.80 -9.34
N LYS B 297 3.27 -45.20 -9.72
CA LYS B 297 4.30 -45.94 -10.44
C LYS B 297 4.88 -47.07 -9.58
N VAL B 298 4.97 -46.87 -8.27
CA VAL B 298 5.47 -47.92 -7.40
C VAL B 298 4.47 -49.08 -7.36
N MET B 299 3.18 -48.78 -7.27
CA MET B 299 2.18 -49.84 -7.27
C MET B 299 2.15 -50.60 -8.59
N ARG B 300 2.56 -49.97 -9.68
CA ARG B 300 2.62 -50.64 -10.97
C ARG B 300 3.90 -51.46 -11.15
N LYS B 301 4.85 -51.35 -10.24
CA LYS B 301 6.09 -52.11 -10.30
C LYS B 301 6.21 -53.17 -9.21
N THR B 302 5.44 -53.05 -8.14
CA THR B 302 5.44 -54.07 -7.09
C THR B 302 4.44 -55.17 -7.42
N ASN B 303 4.66 -56.33 -6.81
CA ASN B 303 3.66 -57.39 -6.72
C ASN B 303 3.28 -57.56 -5.27
N LEU B 304 1.98 -57.67 -5.00
CA LEU B 304 1.49 -57.52 -3.63
C LEU B 304 0.77 -58.75 -3.13
N SER B 305 1.48 -59.87 -2.99
CA SER B 305 0.88 -61.09 -2.46
C SER B 305 1.97 -62.05 -2.02
N SER B 306 2.01 -62.35 -0.72
CA SER B 306 2.82 -63.44 -0.15
C SER B 306 4.29 -63.39 -0.51
N SER B 307 4.73 -62.43 -1.32
CA SER B 307 6.14 -62.30 -1.65
C SER B 307 6.91 -61.86 -0.41
N ARG B 308 7.07 -62.79 0.53
CA ARG B 308 7.60 -62.47 1.85
C ARG B 308 9.03 -61.92 1.77
N MET B 309 9.16 -60.60 1.85
CA MET B 309 10.46 -59.95 1.98
C MET B 309 10.60 -59.15 3.26
N ALA B 310 9.50 -58.85 3.95
CA ALA B 310 9.51 -58.27 5.28
C ALA B 310 8.39 -58.92 6.08
N GLN B 311 7.16 -58.68 5.64
CA GLN B 311 6.02 -59.54 5.97
C GLN B 311 5.44 -59.98 4.64
N LEU B 312 4.12 -60.11 4.55
CA LEU B 312 3.49 -60.13 3.25
C LEU B 312 3.54 -58.72 2.67
N ASP B 313 3.81 -58.63 1.37
CA ASP B 313 4.04 -57.32 0.75
C ASP B 313 2.82 -56.42 0.87
N GLY B 314 1.62 -56.99 0.76
CA GLY B 314 0.41 -56.18 0.82
C GLY B 314 0.13 -55.60 2.18
N VAL B 315 0.40 -56.36 3.25
CA VAL B 315 0.03 -55.89 4.57
C VAL B 315 1.05 -54.87 5.09
N ASP B 316 2.29 -54.91 4.61
CA ASP B 316 3.26 -53.88 4.96
C ASP B 316 2.73 -52.51 4.56
N ASP B 317 2.25 -52.38 3.33
CA ASP B 317 1.69 -51.11 2.87
C ASP B 317 0.38 -50.79 3.57
N ASP B 318 -0.42 -51.82 3.89
CA ASP B 318 -1.69 -51.60 4.56
C ASP B 318 -1.47 -51.12 6.00
N VAL B 319 -0.43 -51.63 6.66
CA VAL B 319 -0.08 -51.09 7.98
C VAL B 319 0.41 -49.66 7.85
N LYS B 320 1.06 -49.32 6.74
CA LYS B 320 1.52 -47.94 6.56
C LYS B 320 0.36 -46.97 6.45
N SER B 321 -0.70 -47.37 5.74
CA SER B 321 -1.88 -46.51 5.63
C SER B 321 -2.67 -46.48 6.94
N TRP B 322 -2.57 -47.56 7.74
CA TRP B 322 -3.27 -47.61 9.00
C TRP B 322 -2.65 -46.66 10.02
C1 RET C . 10.10 8.85 20.59
C2 RET C . 10.47 9.42 21.95
C3 RET C . 11.82 10.12 21.82
C4 RET C . 12.88 9.09 21.49
C5 RET C . 12.43 7.98 20.56
C6 RET C . 11.14 7.86 20.12
C7 RET C . 10.58 6.84 19.17
C8 RET C . 11.22 5.87 18.53
C9 RET C . 10.60 4.91 17.59
C10 RET C . 9.29 4.92 17.28
C11 RET C . 8.79 3.90 16.34
C12 RET C . 7.51 3.85 15.98
C13 RET C . 7.02 2.83 15.02
C14 RET C . 5.72 2.81 14.69
C15 RET C . 5.11 1.85 13.78
C16 RET C . 8.77 8.14 20.73
C17 RET C . 9.98 9.97 19.56
C18 RET C . 13.56 7.07 20.17
C19 RET C . 11.47 3.87 16.96
C20 RET C . 7.97 1.82 14.44
C18 OLC D . 2.60 7.75 2.95
C10 OLC D . 2.91 15.52 2.78
C9 OLC D . 3.65 16.60 2.53
C17 OLC D . 1.56 8.80 2.66
C11 OLC D . 3.49 14.40 3.63
C8 OLC D . 5.04 16.73 3.08
C16 OLC D . 1.75 10.04 3.52
C12 OLC D . 2.41 13.86 4.55
C15 OLC D . 0.49 10.91 3.50
C13 OLC D . 1.27 13.28 3.74
C14 OLC D . 0.62 12.10 4.45
C18 OLC E . 2.68 -12.71 23.36
C10 OLC E . -0.27 -4.55 23.74
C9 OLC E . 0.32 -3.95 24.77
C17 OLC E . 3.33 -11.51 22.70
C11 OLC E . 0.57 -5.36 22.79
C8 OLC E . 1.81 -4.07 24.96
C24 OLC E . 8.27 -12.73 23.83
C16 OLC E . 2.56 -10.23 23.00
C12 OLC E . 0.14 -6.82 22.85
C7 OLC E . 2.27 -3.26 26.16
C15 OLC E . 3.27 -9.00 22.45
C13 OLC E . 1.12 -7.73 22.11
C6 OLC E . 3.73 -3.57 26.47
C14 OLC E . 2.50 -7.73 22.79
C5 OLC E . 4.00 -5.07 26.40
C4 OLC E . 5.50 -5.36 26.42
C3 OLC E . 5.85 -6.69 25.75
C2 OLC E . 5.51 -7.89 26.64
C21 OLC E . 7.66 -10.78 25.26
C1 OLC E . 6.61 -8.91 26.53
C22 OLC E . 7.30 -12.22 24.89
O19 OLC E . 7.63 -8.79 27.19
O25 OLC E . 7.92 -14.07 23.45
O23 OLC E . 7.41 -13.04 26.06
O20 OLC E . 6.49 -10.06 25.64
C18 OLC F . 27.14 2.13 13.06
C10 OLC F . 21.23 2.38 15.82
C9 OLC F . 21.42 3.66 16.10
C17 OLC F . 26.06 1.20 13.55
C11 OLC F . 22.23 1.59 14.99
C8 OLC F . 22.64 4.42 15.60
C24 OLC F . 22.59 16.80 12.72
C16 OLC F . 26.54 -0.25 13.57
C12 OLC F . 22.15 0.11 15.40
C7 OLC F . 22.44 5.92 15.79
C15 OLC F . 25.34 -1.20 13.73
C13 OLC F . 22.99 -0.76 14.48
C6 OLC F . 21.09 6.41 15.28
C14 OLC F . 24.46 -0.73 14.87
C5 OLC F . 21.22 7.71 14.49
C4 OLC F . 21.33 8.94 15.38
C3 OLC F . 21.84 10.15 14.60
C2 OLC F . 21.78 11.43 15.42
C21 OLC F . 23.14 14.73 13.98
C1 OLC F . 22.79 12.42 14.88
C22 OLC F . 22.47 16.09 14.07
O19 OLC F . 23.84 12.03 14.40
O25 OLC F . 21.55 17.77 12.59
O23 OLC F . 21.09 15.95 14.40
O20 OLC F . 22.50 13.85 14.91
C1 RET G . -14.57 13.40 -16.08
C2 RET G . -15.21 14.40 -17.02
C3 RET G . -16.72 14.32 -16.88
C4 RET G . -17.19 12.95 -17.35
C5 RET G . -16.31 11.80 -16.90
C6 RET G . -15.10 11.99 -16.31
C7 RET G . -14.09 10.96 -15.91
C8 RET G . -14.18 9.63 -15.93
C9 RET G . -13.09 8.74 -15.49
C10 RET G . -11.91 9.20 -15.05
C11 RET G . -10.89 8.24 -14.65
C12 RET G . -9.70 8.63 -14.19
C13 RET G . -8.71 7.61 -13.79
C14 RET G . -7.51 7.99 -13.33
C15 RET G . -6.48 7.02 -12.95
C16 RET G . -13.07 13.40 -16.31
C17 RET G . -14.87 13.78 -14.64
C18 RET G . -16.93 10.46 -17.17
C19 RET G . -13.29 7.26 -15.57
C20 RET G . -9.03 6.15 -13.90
C18 OLC H . -8.62 19.22 -23.07
C10 OLC H . -2.77 15.03 -23.02
C9 OLC H . -2.68 14.00 -23.85
C17 OLC H . -7.56 18.67 -22.15
C11 OLC H . -2.07 16.33 -23.35
C8 OLC H . -1.86 14.14 -25.11
C24 OLC H . -4.49 2.59 -27.08
C16 OLC H . -6.19 19.22 -22.54
C12 OLC H . -3.08 17.49 -23.27
C7 OLC H . -2.26 13.05 -26.11
C15 OLC H . -5.11 18.75 -21.57
C13 OLC H . -2.69 18.45 -22.15
C6 OLC H . -1.36 11.83 -26.04
C14 OLC H . -3.79 19.45 -21.88
C5 OLC H . -2.16 10.58 -25.70
C4 OLC H . -3.31 10.38 -26.68
C3 OLC H . -4.07 9.10 -26.36
C2 OLC H . -5.19 8.83 -27.35
C21 OLC H . -5.14 4.99 -27.00
C1 OLC H . -5.67 7.41 -27.17
C22 OLC H . -4.33 3.95 -27.77
O19 OLC H . -6.81 7.18 -26.78
O25 OLC H . -3.82 1.58 -27.85
O23 OLC H . -4.82 3.86 -29.12
O20 OLC H . -4.79 6.30 -27.46
#